data_4EBZ
#
_entry.id   4EBZ
#
_cell.length_a   57.465
_cell.length_b   71.322
_cell.length_c   72.171
_cell.angle_alpha   90.00
_cell.angle_beta   90.00
_cell.angle_gamma   90.00
#
_symmetry.space_group_name_H-M   'P 21 21 21'
#
loop_
_entity.id
_entity.type
_entity.pdbx_description
1 polymer 'Chitin elicitor receptor kinase 1'
2 branched 2-acetamido-2-deoxy-beta-D-glucopyranose-(1-4)-2-acetamido-2-deoxy-beta-D-glucopyranose
3 branched alpha-D-mannopyranose-(1-3)-[beta-D-mannopyranose-(1-6)]beta-D-mannopyranose-(1-4)-2-acetamido-2-deoxy-beta-D-glucopyranose-(1-4)-2-acetamido-2-deoxy-beta-D-glucopyranose
4 branched 2-acetamido-2-deoxy-beta-D-glucopyranose-(1-4)-2-acetamido-2-deoxy-beta-D-glucopyranose-(1-4)-2-acetamido-2-deoxy-beta-D-glucopyranose-(1-4)-2-acetamido-2-deoxy-beta-D-glucopyranose
5 water water
#
_entity_poly.entity_id   1
_entity_poly.type   'polypeptide(L)'
_entity_poly.pdbx_seq_one_letter_code
;CRTSCPLALASYYLENGTTLSVINQNLNSSIAPYDQINFDPILRYNSNIKDKDRIQMGSRVLVPFPCECQPGDFLGHNFS
YSVRQEDTYERVAISNYANLTTMESLQARNPFPATNIPLSATLNVLVNCSCGDESVSKDFGLFVTYPLRPEDSLSSIARS
SGVSADILQRYNPGVNFNSGNGIVYVPGRDPNGAFPPFKSSKQDGVHHHHHH
;
_entity_poly.pdbx_strand_id   A
#
loop_
_chem_comp.id
_chem_comp.type
_chem_comp.name
_chem_comp.formula
BMA D-saccharide, beta linking beta-D-mannopyranose 'C6 H12 O6'
MAN D-saccharide, alpha linking alpha-D-mannopyranose 'C6 H12 O6'
NAG D-saccharide, beta linking 2-acetamido-2-deoxy-beta-D-glucopyranose 'C8 H15 N O6'
#
# COMPACT_ATOMS: atom_id res chain seq x y z
N CYS A 1 11.66 -15.98 -4.83
CA CYS A 1 10.39 -15.64 -5.48
C CYS A 1 10.53 -15.75 -6.99
N ARG A 2 9.42 -16.05 -7.67
CA ARG A 2 9.44 -16.30 -9.11
C ARG A 2 9.40 -14.99 -9.89
N THR A 3 9.11 -13.90 -9.19
CA THR A 3 9.05 -12.59 -9.83
C THR A 3 9.79 -11.57 -8.99
N SER A 4 10.17 -10.47 -9.60
CA SER A 4 10.87 -9.41 -8.90
C SER A 4 10.50 -8.14 -9.59
N CYS A 5 10.66 -7.01 -8.90
CA CYS A 5 10.40 -5.72 -9.51
C CYS A 5 10.96 -4.58 -8.64
N PRO A 6 11.20 -3.41 -9.25
CA PRO A 6 11.90 -2.36 -8.49
C PRO A 6 11.01 -1.60 -7.51
N LEU A 7 9.69 -1.67 -7.67
CA LEU A 7 8.83 -1.00 -6.72
C LEU A 7 7.39 -1.50 -6.78
N ALA A 8 6.61 -1.11 -5.78
CA ALA A 8 5.16 -1.28 -5.76
C ALA A 8 4.56 0.03 -5.26
N LEU A 9 3.23 0.16 -5.33
CA LEU A 9 2.55 1.35 -4.86
C LEU A 9 1.58 0.92 -3.77
N ALA A 10 1.47 1.72 -2.73
CA ALA A 10 0.50 1.46 -1.66
C ALA A 10 -0.66 2.44 -1.75
N SER A 11 -1.91 1.97 -1.67
CA SER A 11 -3.08 2.87 -1.73
C SER A 11 -3.54 3.21 -0.31
N TYR A 12 -3.33 4.47 0.10
CA TYR A 12 -3.61 4.90 1.46
C TYR A 12 -4.85 5.79 1.48
N TYR A 13 -5.95 5.26 1.98
CA TYR A 13 -7.21 6.01 2.08
C TYR A 13 -7.18 7.02 3.23
N LEU A 14 -7.70 8.23 2.95
CA LEU A 14 -7.61 9.35 3.88
C LEU A 14 -8.87 9.50 4.72
N GLU A 15 -8.73 9.33 6.03
CA GLU A 15 -9.82 9.72 6.91
C GLU A 15 -9.31 10.17 8.28
N ASN A 16 -10.17 10.85 9.01
CA ASN A 16 -9.83 11.36 10.35
C ASN A 16 -8.59 12.25 10.41
N GLY A 17 -8.30 12.98 9.33
CA GLY A 17 -7.32 14.06 9.40
C GLY A 17 -5.89 13.85 8.91
N THR A 18 -5.59 12.64 8.45
CA THR A 18 -4.25 12.23 8.02
C THR A 18 -3.59 13.24 7.09
N THR A 19 -2.32 13.52 7.31
CA THR A 19 -1.58 14.49 6.48
C THR A 19 -0.53 13.78 5.63
N LEU A 20 -0.01 14.45 4.62
CA LEU A 20 0.94 13.77 3.73
C LEU A 20 2.20 13.43 4.52
N SER A 21 2.56 14.30 5.46
CA SER A 21 3.76 14.08 6.25
C SER A 21 3.66 12.79 7.08
N VAL A 22 2.50 12.56 7.68
CA VAL A 22 2.30 11.32 8.43
C VAL A 22 2.38 10.05 7.55
N ILE A 23 1.82 10.15 6.35
CA ILE A 23 1.90 9.05 5.41
C ILE A 23 3.36 8.79 5.06
N ASN A 24 4.11 9.85 4.75
CA ASN A 24 5.50 9.66 4.35
C ASN A 24 6.34 9.14 5.50
N GLN A 25 6.04 9.58 6.71
CA GLN A 25 6.75 9.09 7.89
C GLN A 25 6.49 7.60 8.09
N ASN A 26 5.22 7.23 8.09
CA ASN A 26 4.87 5.81 8.36
C ASN A 26 5.39 4.90 7.26
N LEU A 27 5.31 5.37 6.01
CA LEU A 27 5.73 4.54 4.88
C LEU A 27 7.11 4.96 4.39
N ASN A 28 7.93 5.51 5.29
CA ASN A 28 9.28 5.90 4.90
C ASN A 28 10.07 4.72 4.36
N SER A 29 10.88 4.95 3.33
CA SER A 29 11.75 3.90 2.78
C SER A 29 12.81 4.56 1.93
N SER A 30 13.70 3.76 1.36
CA SER A 30 14.73 4.30 0.45
C SER A 30 14.10 4.95 -0.78
N ILE A 31 12.94 4.42 -1.17
CA ILE A 31 12.23 4.91 -2.35
C ILE A 31 11.36 6.15 -2.07
N ALA A 32 10.91 6.30 -0.83
CA ALA A 32 10.24 7.56 -0.41
C ALA A 32 10.83 8.08 0.91
N PRO A 33 12.03 8.67 0.84
CA PRO A 33 12.70 9.05 2.09
C PRO A 33 12.03 10.26 2.73
N TYR A 34 11.72 10.12 4.00
CA TYR A 34 10.99 11.15 4.71
C TYR A 34 11.95 12.22 5.22
N ASP A 35 11.88 13.42 4.68
CA ASP A 35 12.69 14.51 5.24
C ASP A 35 11.88 15.74 5.63
N GLN A 36 10.56 15.64 5.53
CA GLN A 36 9.65 16.72 5.91
C GLN A 36 9.63 17.92 4.95
N ILE A 37 10.55 17.92 3.99
CA ILE A 37 10.72 19.06 3.09
C ILE A 37 10.31 18.72 1.65
N ASN A 38 10.79 17.57 1.18
CA ASN A 38 10.64 17.14 -0.20
C ASN A 38 9.76 15.91 -0.27
N PHE A 39 8.54 16.06 -0.79
CA PHE A 39 7.59 14.98 -0.94
C PHE A 39 7.44 14.51 -2.40
N ASP A 40 8.38 14.91 -3.25
CA ASP A 40 8.29 14.55 -4.68
C ASP A 40 8.14 13.07 -5.04
N PRO A 41 8.88 12.17 -4.36
CA PRO A 41 8.72 10.76 -4.71
C PRO A 41 7.28 10.31 -4.58
N ILE A 42 6.54 10.84 -3.59
CA ILE A 42 5.11 10.53 -3.48
C ILE A 42 4.27 11.32 -4.48
N LEU A 43 4.50 12.63 -4.55
CA LEU A 43 3.65 13.50 -5.35
C LEU A 43 3.69 13.14 -6.84
N ARG A 44 4.85 12.65 -7.30
CA ARG A 44 4.98 12.13 -8.67
C ARG A 44 3.88 11.14 -9.06
N TYR A 45 3.44 10.34 -8.10
CA TYR A 45 2.42 9.32 -8.35
C TYR A 45 0.98 9.81 -8.08
N ASN A 46 0.83 11.07 -7.72
CA ASN A 46 -0.47 11.65 -7.34
C ASN A 46 -0.62 13.04 -7.95
N SER A 47 -0.64 13.10 -9.27
CA SER A 47 -0.69 14.40 -9.92
C SER A 47 -2.01 15.13 -9.62
N ASN A 48 -3.00 14.37 -9.14
CA ASN A 48 -4.28 14.95 -8.72
C ASN A 48 -4.18 15.85 -7.46
N ILE A 49 -3.22 15.61 -6.59
CA ILE A 49 -3.07 16.44 -5.39
C ILE A 49 -2.68 17.87 -5.74
N LYS A 50 -3.60 18.81 -5.50
CA LYS A 50 -3.38 20.23 -5.80
C LYS A 50 -2.48 20.91 -4.77
N ASP A 51 -2.68 20.58 -3.50
CA ASP A 51 -1.93 21.23 -2.44
C ASP A 51 -1.44 20.18 -1.45
N LYS A 52 -0.12 19.95 -1.44
CA LYS A 52 0.45 18.89 -0.62
C LYS A 52 0.25 19.17 0.87
N ASP A 53 0.06 20.44 1.20
CA ASP A 53 -0.05 20.84 2.61
C ASP A 53 -1.50 20.89 3.13
N ARG A 54 -2.45 20.65 2.23
CA ARG A 54 -3.87 20.49 2.56
C ARG A 54 -4.52 19.42 1.69
N ILE A 55 -4.36 18.17 2.10
CA ILE A 55 -4.88 17.05 1.32
C ILE A 55 -6.33 16.69 1.65
N GLN A 56 -7.04 16.07 0.73
CA GLN A 56 -8.50 15.97 0.85
C GLN A 56 -9.01 14.62 1.39
N MET A 57 -9.75 14.65 2.50
CA MET A 57 -10.30 13.43 3.09
C MET A 57 -11.21 12.74 2.09
N GLY A 58 -11.20 11.41 2.12
CA GLY A 58 -12.05 10.63 1.24
C GLY A 58 -11.38 10.22 -0.05
N SER A 59 -10.14 10.65 -0.26
CA SER A 59 -9.38 10.23 -1.44
C SER A 59 -8.29 9.24 -1.04
N ARG A 60 -7.63 8.65 -2.03
CA ARG A 60 -6.53 7.72 -1.75
C ARG A 60 -5.23 8.28 -2.27
N VAL A 61 -4.17 8.14 -1.48
CA VAL A 61 -2.85 8.63 -1.84
C VAL A 61 -1.98 7.42 -2.20
N LEU A 62 -1.34 7.44 -3.37
CA LEU A 62 -0.48 6.34 -3.81
C LEU A 62 0.95 6.56 -3.34
N VAL A 63 1.54 5.56 -2.68
CA VAL A 63 2.90 5.72 -2.12
C VAL A 63 3.84 4.65 -2.68
N PRO A 64 4.94 5.04 -3.35
CA PRO A 64 5.87 4.04 -3.85
C PRO A 64 6.65 3.40 -2.70
N PHE A 65 6.96 2.12 -2.84
CA PHE A 65 7.74 1.43 -1.81
C PHE A 65 8.45 0.23 -2.44
N PRO A 66 9.52 -0.24 -1.78
CA PRO A 66 10.28 -1.37 -2.34
C PRO A 66 9.50 -2.67 -2.24
N CYS A 67 9.64 -3.55 -3.22
CA CYS A 67 8.88 -4.79 -3.20
C CYS A 67 9.89 -5.94 -3.26
N GLU A 68 10.06 -6.66 -2.15
CA GLU A 68 11.21 -7.54 -1.94
C GLU A 68 10.74 -8.96 -1.61
N CYS A 69 11.55 -9.95 -1.97
CA CYS A 69 11.25 -11.32 -1.59
C CYS A 69 11.43 -11.48 -0.08
N GLN A 70 10.43 -12.06 0.59
CA GLN A 70 10.43 -12.21 2.04
C GLN A 70 10.65 -13.68 2.35
N PRO A 71 11.20 -13.97 3.55
CA PRO A 71 11.29 -15.38 3.95
C PRO A 71 9.90 -16.00 3.87
N GLY A 72 9.78 -17.17 3.25
CA GLY A 72 8.45 -17.71 3.03
C GLY A 72 8.09 -17.61 1.56
N ASP A 73 9.00 -17.01 0.80
CA ASP A 73 8.83 -16.86 -0.66
C ASP A 73 7.55 -16.13 -1.09
N PHE A 74 7.34 -14.93 -0.55
CA PHE A 74 6.24 -14.12 -1.04
C PHE A 74 6.79 -12.70 -1.10
N LEU A 75 6.09 -11.81 -1.80
CA LEU A 75 6.58 -10.43 -1.96
C LEU A 75 5.99 -9.46 -0.99
N GLY A 76 6.84 -8.60 -0.44
CA GLY A 76 6.36 -7.56 0.47
C GLY A 76 7.46 -6.64 0.92
N HIS A 77 7.15 -5.79 1.89
CA HIS A 77 8.15 -4.90 2.44
C HIS A 77 7.96 -4.69 3.93
N ASN A 78 9.07 -4.64 4.67
CA ASN A 78 9.02 -4.29 6.10
C ASN A 78 9.21 -2.76 6.28
N PHE A 79 8.13 -2.04 6.62
CA PHE A 79 8.24 -0.68 7.11
C PHE A 79 8.61 -0.71 8.58
N SER A 80 9.02 0.46 9.08
CA SER A 80 9.30 0.60 10.51
C SER A 80 8.42 1.70 11.06
N TYR A 81 7.82 1.48 12.22
CA TYR A 81 6.91 2.45 12.81
C TYR A 81 7.31 2.76 14.25
N SER A 82 7.52 4.05 14.57
CA SER A 82 7.79 4.47 15.95
C SER A 82 6.49 4.67 16.72
N VAL A 83 6.33 3.92 17.80
CA VAL A 83 5.10 3.90 18.57
C VAL A 83 4.86 5.22 19.32
N ARG A 84 3.60 5.67 19.33
CA ARG A 84 3.20 6.87 20.05
C ARG A 84 2.15 6.51 21.09
N GLN A 85 1.99 7.37 22.10
CA GLN A 85 0.98 7.16 23.13
C GLN A 85 -0.37 6.71 22.57
N GLU A 86 -0.92 5.66 23.17
CA GLU A 86 -2.25 5.14 22.84
C GLU A 86 -2.30 4.26 21.58
N ASP A 87 -1.17 4.08 20.93
CA ASP A 87 -1.13 3.16 19.80
C ASP A 87 -1.44 1.74 20.28
N THR A 88 -2.15 0.97 19.45
CA THR A 88 -2.36 -0.47 19.69
C THR A 88 -2.13 -1.20 18.38
N TYR A 89 -1.93 -2.51 18.42
CA TYR A 89 -1.74 -3.22 17.16
C TYR A 89 -2.96 -3.06 16.23
N GLU A 90 -4.15 -3.07 16.80
CA GLU A 90 -5.36 -2.87 16.00
C GLU A 90 -5.34 -1.49 15.34
N ARG A 91 -5.08 -0.45 16.13
CA ARG A 91 -5.08 0.91 15.58
C ARG A 91 -3.96 1.11 14.58
N VAL A 92 -2.78 0.59 14.87
CA VAL A 92 -1.71 0.71 13.88
C VAL A 92 -2.09 0.09 12.53
N ALA A 93 -2.77 -1.06 12.54
CA ALA A 93 -3.13 -1.67 11.26
C ALA A 93 -4.28 -0.96 10.56
N ILE A 94 -5.33 -0.62 11.30
CA ILE A 94 -6.53 -0.10 10.65
C ILE A 94 -6.49 1.41 10.38
N SER A 95 -5.68 2.13 11.16
CA SER A 95 -5.61 3.58 11.04
C SER A 95 -4.24 4.05 10.56
N ASN A 96 -3.19 3.80 11.34
CA ASN A 96 -1.86 4.30 10.93
C ASN A 96 -1.40 3.79 9.57
N TYR A 97 -1.72 2.54 9.26
CA TYR A 97 -1.35 1.99 7.97
C TYR A 97 -2.56 1.74 7.05
N ALA A 98 -3.73 2.23 7.46
CA ALA A 98 -4.88 2.30 6.55
C ALA A 98 -5.22 0.95 5.90
N ASN A 99 -5.16 -0.11 6.71
CA ASN A 99 -5.46 -1.47 6.28
C ASN A 99 -4.50 -2.06 5.25
N LEU A 100 -3.34 -1.43 5.10
CA LEU A 100 -2.26 -2.00 4.28
C LEU A 100 -1.59 -3.20 4.96
N THR A 101 -1.81 -3.30 6.26
CA THR A 101 -1.33 -4.42 7.08
C THR A 101 -2.50 -4.86 7.96
N THR A 102 -2.29 -5.96 8.70
CA THR A 102 -3.35 -6.48 9.56
C THR A 102 -2.84 -6.54 11.00
N MET A 103 -3.75 -6.50 11.95
CA MET A 103 -3.35 -6.59 13.34
C MET A 103 -2.72 -7.94 13.62
N GLU A 104 -3.21 -9.01 12.97
CA GLU A 104 -2.66 -10.32 13.23
C GLU A 104 -1.21 -10.40 12.79
N SER A 105 -0.91 -9.77 11.67
CA SER A 105 0.43 -9.82 11.10
C SER A 105 1.39 -9.05 12.02
N LEU A 106 0.94 -7.89 12.49
CA LEU A 106 1.76 -7.08 13.43
C LEU A 106 2.04 -7.83 14.70
N GLN A 107 1.00 -8.44 15.26
CA GLN A 107 1.21 -9.19 16.49
C GLN A 107 2.21 -10.34 16.31
N ALA A 108 2.14 -11.01 15.18
CA ALA A 108 2.97 -12.18 14.99
C ALA A 108 4.46 -11.86 14.86
N ARG A 109 4.76 -10.69 14.29
CA ARG A 109 6.14 -10.39 13.92
C ARG A 109 6.79 -9.35 14.86
N ASN A 110 6.06 -8.92 15.90
CA ASN A 110 6.62 -8.04 16.93
C ASN A 110 6.51 -8.69 18.29
N PRO A 111 7.52 -8.49 19.16
CA PRO A 111 7.58 -9.26 20.41
C PRO A 111 6.81 -8.64 21.58
N PHE A 112 6.29 -7.43 21.44
CA PHE A 112 5.63 -6.77 22.57
C PHE A 112 4.22 -7.32 22.77
N PRO A 113 3.85 -7.60 24.02
CA PRO A 113 2.46 -8.05 24.26
C PRO A 113 1.50 -6.94 23.87
N ALA A 114 0.32 -7.27 23.38
CA ALA A 114 -0.60 -6.21 22.93
C ALA A 114 -0.84 -5.11 23.97
N THR A 115 -0.95 -5.48 25.24
CA THR A 115 -1.30 -4.50 26.26
C THR A 115 -0.10 -3.81 26.89
N ASN A 116 1.10 -4.07 26.37
CA ASN A 116 2.25 -3.24 26.74
C ASN A 116 3.24 -3.07 25.60
N ILE A 117 2.82 -2.35 24.59
CA ILE A 117 3.75 -1.86 23.58
C ILE A 117 4.38 -0.59 24.17
N PRO A 118 5.69 -0.60 24.42
CA PRO A 118 6.35 0.56 25.06
C PRO A 118 6.45 1.81 24.19
N LEU A 119 6.47 2.99 24.83
CA LEU A 119 6.62 4.23 24.09
C LEU A 119 7.98 4.23 23.40
N SER A 120 8.04 4.69 22.16
CA SER A 120 9.28 4.68 21.40
C SER A 120 9.82 3.28 20.99
N ALA A 121 9.08 2.22 21.29
CA ALA A 121 9.33 0.97 20.57
C ALA A 121 9.21 1.23 19.07
N THR A 122 9.92 0.42 18.28
CA THR A 122 9.72 0.38 16.81
C THR A 122 9.00 -0.91 16.47
N LEU A 123 7.97 -0.79 15.63
CA LEU A 123 7.33 -1.97 15.08
C LEU A 123 7.82 -2.27 13.67
N ASN A 124 7.97 -3.56 13.39
CA ASN A 124 8.19 -4.07 12.05
C ASN A 124 6.80 -4.28 11.43
N VAL A 125 6.53 -3.58 10.31
CA VAL A 125 5.18 -3.55 9.73
C VAL A 125 5.25 -4.10 8.31
N LEU A 126 4.66 -5.27 8.07
CA LEU A 126 4.72 -5.91 6.74
C LEU A 126 3.55 -5.47 5.86
N VAL A 127 3.86 -5.03 4.65
CA VAL A 127 2.84 -4.71 3.65
C VAL A 127 3.23 -5.52 2.43
N ASN A 128 2.28 -6.27 1.91
CA ASN A 128 2.56 -7.17 0.79
C ASN A 128 2.44 -6.45 -0.51
N CYS A 129 3.02 -7.03 -1.57
CA CYS A 129 2.93 -6.43 -2.88
C CYS A 129 2.95 -7.49 -3.97
N SER A 130 2.85 -7.03 -5.21
CA SER A 130 2.91 -7.96 -6.34
C SER A 130 3.76 -7.34 -7.43
N CYS A 131 4.47 -8.19 -8.18
CA CYS A 131 5.23 -7.75 -9.35
C CYS A 131 4.53 -8.18 -10.64
N GLY A 132 3.33 -8.75 -10.50
CA GLY A 132 2.57 -9.22 -11.65
C GLY A 132 2.66 -10.70 -11.89
N ASP A 133 2.12 -11.13 -13.04
CA ASP A 133 2.01 -12.54 -13.36
C ASP A 133 1.91 -12.63 -14.87
N GLU A 134 2.98 -13.13 -15.48
CA GLU A 134 3.10 -13.19 -16.93
C GLU A 134 1.97 -14.01 -17.58
N SER A 135 1.44 -14.98 -16.84
CA SER A 135 0.38 -15.83 -17.37
C SER A 135 -0.98 -15.11 -17.35
N VAL A 136 -1.01 -13.94 -16.72
CA VAL A 136 -2.23 -13.14 -16.73
C VAL A 136 -2.06 -12.07 -17.79
N SER A 137 -0.89 -11.44 -17.80
CA SER A 137 -0.61 -10.42 -18.79
C SER A 137 0.84 -9.99 -18.81
N LYS A 138 1.36 -9.73 -20.01
CA LYS A 138 2.69 -9.16 -20.13
C LYS A 138 2.67 -7.63 -19.97
N ASP A 139 1.48 -7.04 -19.92
CA ASP A 139 1.37 -5.58 -20.00
C ASP A 139 1.57 -4.85 -18.68
N PHE A 140 1.62 -5.59 -17.57
CA PHE A 140 1.66 -4.93 -16.26
C PHE A 140 2.76 -5.48 -15.34
N GLY A 141 3.57 -4.56 -14.82
CA GLY A 141 4.66 -4.94 -13.95
C GLY A 141 4.76 -4.04 -12.74
N LEU A 142 3.80 -3.12 -12.58
CA LEU A 142 3.76 -2.25 -11.40
C LEU A 142 2.37 -2.37 -10.79
N PHE A 143 2.31 -2.67 -9.49
CA PHE A 143 1.03 -2.97 -8.85
C PHE A 143 0.79 -2.18 -7.61
N VAL A 144 -0.48 -1.79 -7.45
CA VAL A 144 -0.96 -1.11 -6.27
C VAL A 144 -1.51 -2.15 -5.30
N THR A 145 -1.01 -2.09 -4.07
CA THR A 145 -1.58 -2.83 -2.97
C THR A 145 -2.78 -2.03 -2.47
N TYR A 146 -3.99 -2.54 -2.75
CA TYR A 146 -5.22 -1.76 -2.62
C TYR A 146 -6.18 -2.34 -1.59
N PRO A 147 -6.27 -1.72 -0.40
CA PRO A 147 -7.21 -2.23 0.60
C PRO A 147 -8.64 -1.86 0.21
N LEU A 148 -9.50 -2.86 0.11
CA LEU A 148 -10.89 -2.67 -0.32
C LEU A 148 -11.70 -1.97 0.75
N ARG A 149 -12.64 -1.12 0.32
CA ARG A 149 -13.58 -0.45 1.22
C ARG A 149 -15.02 -0.76 0.74
N PRO A 150 -16.01 -0.60 1.64
CA PRO A 150 -17.41 -0.96 1.35
C PRO A 150 -17.91 -0.31 0.06
N GLU A 151 -17.41 0.88 -0.26
CA GLU A 151 -17.88 1.56 -1.46
C GLU A 151 -17.25 1.06 -2.78
N ASP A 152 -16.22 0.21 -2.72
CA ASP A 152 -15.57 -0.31 -3.93
C ASP A 152 -16.33 -1.50 -4.50
N SER A 153 -16.27 -1.70 -5.82
CA SER A 153 -16.75 -2.93 -6.45
C SER A 153 -15.78 -3.25 -7.56
N LEU A 154 -15.92 -4.41 -8.17
CA LEU A 154 -15.06 -4.73 -9.30
C LEU A 154 -15.22 -3.70 -10.44
N SER A 155 -16.45 -3.32 -10.75
CA SER A 155 -16.65 -2.40 -11.86
C SER A 155 -16.12 -0.99 -11.52
N SER A 156 -16.26 -0.59 -10.27
CA SER A 156 -15.81 0.75 -9.88
C SER A 156 -14.29 0.85 -9.91
N ILE A 157 -13.60 -0.20 -9.46
CA ILE A 157 -12.15 -0.23 -9.55
C ILE A 157 -11.64 -0.40 -11.00
N ALA A 158 -12.34 -1.18 -11.81
CA ALA A 158 -11.93 -1.32 -13.20
C ALA A 158 -12.02 0.05 -13.85
N ARG A 159 -13.08 0.77 -13.50
CA ARG A 159 -13.31 2.09 -14.11
C ARG A 159 -12.21 3.07 -13.72
N SER A 160 -11.91 3.18 -12.43
CA SER A 160 -10.94 4.16 -11.94
C SER A 160 -9.49 3.82 -12.29
N SER A 161 -9.19 2.52 -12.34
CA SER A 161 -7.83 2.07 -12.59
C SER A 161 -7.49 2.09 -14.07
N GLY A 162 -8.50 2.04 -14.93
CA GLY A 162 -8.31 1.90 -16.36
C GLY A 162 -7.86 0.51 -16.78
N VAL A 163 -8.11 -0.48 -15.93
CA VAL A 163 -7.76 -1.88 -16.21
C VAL A 163 -9.06 -2.69 -16.35
N SER A 164 -9.14 -3.62 -17.31
CA SER A 164 -10.37 -4.38 -17.49
C SER A 164 -10.70 -5.21 -16.25
N ALA A 165 -12.00 -5.38 -16.02
CA ALA A 165 -12.51 -6.19 -14.92
C ALA A 165 -11.99 -7.61 -14.97
N ASP A 166 -11.99 -8.24 -16.15
CA ASP A 166 -11.48 -9.60 -16.28
C ASP A 166 -10.01 -9.74 -15.85
N ILE A 167 -9.17 -8.81 -16.30
CA ILE A 167 -7.76 -8.78 -15.87
C ILE A 167 -7.61 -8.61 -14.34
N LEU A 168 -8.31 -7.63 -13.76
CA LEU A 168 -8.24 -7.45 -12.31
C LEU A 168 -8.64 -8.72 -11.57
N GLN A 169 -9.69 -9.35 -12.05
CA GLN A 169 -10.16 -10.55 -11.39
C GLN A 169 -9.13 -11.67 -11.50
N ARG A 170 -8.46 -11.76 -12.64
CA ARG A 170 -7.50 -12.85 -12.86
C ARG A 170 -6.26 -12.64 -11.96
N TYR A 171 -5.91 -11.38 -11.70
CA TYR A 171 -4.80 -11.09 -10.78
C TYR A 171 -5.21 -11.40 -9.35
N ASN A 172 -6.51 -11.51 -9.10
CA ASN A 172 -6.99 -11.67 -7.73
C ASN A 172 -8.04 -12.79 -7.70
N PRO A 173 -7.61 -14.00 -8.07
CA PRO A 173 -8.58 -15.04 -8.38
C PRO A 173 -9.45 -15.43 -7.17
N GLY A 174 -10.77 -15.51 -7.39
CA GLY A 174 -11.67 -15.97 -6.35
C GLY A 174 -12.09 -14.88 -5.38
N VAL A 175 -11.49 -13.70 -5.52
CA VAL A 175 -11.69 -12.59 -4.57
C VAL A 175 -12.85 -11.68 -4.95
N ASN A 176 -13.82 -11.56 -4.04
CA ASN A 176 -14.98 -10.69 -4.26
C ASN A 176 -14.59 -9.21 -4.04
N PHE A 177 -14.54 -8.42 -5.11
CA PHE A 177 -14.07 -7.02 -4.98
C PHE A 177 -15.10 -6.12 -4.27
N ASN A 178 -16.26 -6.69 -4.00
CA ASN A 178 -17.30 -5.97 -3.28
C ASN A 178 -17.39 -6.37 -1.80
N SER A 179 -16.40 -7.08 -1.30
CA SER A 179 -16.50 -7.63 0.05
C SER A 179 -16.22 -6.60 1.15
N GLY A 180 -15.54 -5.52 0.80
CA GLY A 180 -15.36 -4.41 1.73
C GLY A 180 -14.17 -4.54 2.66
N ASN A 181 -13.37 -5.57 2.47
CA ASN A 181 -12.18 -5.74 3.31
C ASN A 181 -11.07 -6.56 2.63
N GLY A 182 -9.87 -6.54 3.19
CA GLY A 182 -8.75 -7.26 2.60
C GLY A 182 -8.14 -6.49 1.46
N ILE A 183 -7.14 -7.07 0.80
CA ILE A 183 -6.47 -6.32 -0.26
C ILE A 183 -6.61 -6.99 -1.63
N VAL A 184 -6.55 -6.18 -2.67
CA VAL A 184 -6.40 -6.70 -4.03
C VAL A 184 -5.21 -5.97 -4.65
N TYR A 185 -4.62 -6.59 -5.68
CA TYR A 185 -3.53 -5.97 -6.40
C TYR A 185 -4.05 -5.45 -7.73
N VAL A 186 -3.81 -4.17 -7.98
CA VAL A 186 -4.31 -3.47 -9.16
C VAL A 186 -3.15 -2.86 -9.93
N PRO A 187 -3.05 -3.12 -11.24
CA PRO A 187 -1.93 -2.53 -11.98
C PRO A 187 -1.90 -1.02 -11.82
N GLY A 188 -0.70 -0.47 -11.64
CA GLY A 188 -0.58 0.95 -11.45
C GLY A 188 0.24 1.62 -12.55
N ARG A 189 0.24 2.95 -12.55
CA ARG A 189 0.89 3.74 -13.58
C ARG A 189 2.18 4.37 -13.09
N ASP A 190 3.11 4.58 -14.01
CA ASP A 190 4.30 5.41 -13.71
C ASP A 190 3.92 6.89 -13.54
N PRO A 191 4.90 7.74 -13.19
CA PRO A 191 4.56 9.15 -12.93
C PRO A 191 3.97 9.86 -14.15
N ASN A 192 4.20 9.30 -15.33
CA ASN A 192 3.67 9.92 -16.54
C ASN A 192 2.38 9.33 -17.08
N GLY A 193 1.83 8.36 -16.35
CA GLY A 193 0.54 7.82 -16.71
C GLY A 193 0.56 6.53 -17.53
N ALA A 194 1.75 6.02 -17.83
CA ALA A 194 1.88 4.78 -18.60
C ALA A 194 1.98 3.58 -17.64
N PHE A 195 1.51 2.42 -18.05
CA PHE A 195 1.70 1.21 -17.24
C PHE A 195 3.05 0.61 -17.62
N PRO A 196 3.97 0.48 -16.65
CA PRO A 196 5.21 -0.26 -16.89
C PRO A 196 4.87 -1.72 -17.17
N PRO A 197 5.54 -2.35 -18.15
CA PRO A 197 5.18 -3.72 -18.51
C PRO A 197 5.75 -4.74 -17.54
N PHE A 198 5.30 -5.97 -17.65
CA PHE A 198 5.86 -7.04 -16.84
C PHE A 198 7.32 -7.23 -17.23
N LYS A 199 8.15 -7.57 -16.25
CA LYS A 199 9.55 -7.86 -16.51
C LYS A 199 10.02 -9.09 -15.75
N SER A 200 10.43 -10.12 -16.49
CA SER A 200 10.89 -11.36 -15.87
C SER A 200 12.33 -11.22 -15.38
C1 NAG B . 13.72 5.83 5.89
C2 NAG B . 14.69 6.33 6.98
C3 NAG B . 16.17 6.17 6.55
C4 NAG B . 16.43 4.74 6.10
C5 NAG B . 15.39 4.34 5.06
C6 NAG B . 15.60 2.89 4.63
C7 NAG B . 13.79 7.92 8.59
C8 NAG B . 13.41 9.33 8.93
N2 NAG B . 14.37 7.69 7.40
O3 NAG B . 16.98 6.47 7.66
O4 NAG B . 17.71 4.58 5.53
O5 NAG B . 14.11 4.49 5.64
O6 NAG B . 15.38 1.99 5.73
O7 NAG B . 13.58 7.03 9.40
C1 NAG B . 18.91 4.96 6.27
C2 NAG B . 19.91 3.94 5.77
C3 NAG B . 21.29 4.14 6.40
C4 NAG B . 21.73 5.58 6.22
C5 NAG B . 20.67 6.50 6.83
C6 NAG B . 21.06 7.97 6.71
C7 NAG B . 19.16 1.71 5.08
C8 NAG B . 18.91 0.30 5.54
N2 NAG B . 19.44 2.60 6.04
O3 NAG B . 22.21 3.26 5.77
O4 NAG B . 23.01 5.78 6.80
O5 NAG B . 19.42 6.29 6.19
O6 NAG B . 20.80 8.43 5.39
O7 NAG B . 19.10 1.98 3.86
C1 NAG C . -9.76 -0.10 7.78
C2 NAG C . -10.33 1.30 7.51
C3 NAG C . -11.33 1.67 8.61
C4 NAG C . -12.34 0.57 8.92
C5 NAG C . -11.59 -0.75 9.08
C6 NAG C . -12.53 -1.92 9.30
C7 NAG C . -9.17 3.18 6.44
C8 NAG C . -8.09 4.23 6.56
N2 NAG C . -9.30 2.32 7.45
O3 NAG C . -11.98 2.90 8.32
O4 NAG C . -12.97 0.87 10.14
O5 NAG C . -10.86 -0.98 7.87
O6 NAG C . -13.48 -1.88 8.24
O7 NAG C . -9.86 3.15 5.42
C1 NAG C . -14.42 0.68 10.20
C2 NAG C . -14.78 0.65 11.68
C3 NAG C . -16.28 0.83 11.95
C4 NAG C . -16.89 1.91 11.06
C5 NAG C . -16.37 1.79 9.63
C6 NAG C . -16.87 2.88 8.70
C7 NAG C . -13.28 -0.57 13.13
C8 NAG C . -12.66 -1.89 13.46
N2 NAG C . -14.28 -0.58 12.24
O3 NAG C . -16.48 1.19 13.29
O4 NAG C . -18.29 1.78 11.10
O5 NAG C . -14.96 1.82 9.60
O6 NAG C . -16.12 2.77 7.51
O7 NAG C . -12.87 0.48 13.66
C1 NAG D . 1.41 -11.29 3.20
C2 NAG D . 0.36 -11.32 4.30
C3 NAG D . 0.56 -12.49 5.25
C4 NAG D . 0.71 -13.81 4.53
C5 NAG D . 1.71 -13.66 3.39
C6 NAG D . 1.77 -14.93 2.55
C7 NAG D . -0.42 -9.22 5.33
C8 NAG D . -0.01 -8.10 6.27
N2 NAG D . 0.51 -10.12 5.12
O3 NAG D . -0.55 -12.50 6.11
O4 NAG D . 1.23 -14.78 5.42
O5 NAG D . 1.36 -12.56 2.57
O6 NAG D . 0.50 -15.16 1.97
O7 NAG D . -1.51 -9.28 4.75
C1 NAG D . 0.15 -15.71 5.77
C2 NAG D . 1.00 -16.73 6.50
C3 NAG D . 0.10 -17.74 7.20
C4 NAG D . -1.01 -17.07 8.00
C5 NAG D . -1.71 -16.01 7.13
C6 NAG D . -2.81 -15.28 7.89
C7 NAG D . 3.18 -17.19 5.51
C8 NAG D . 3.92 -17.86 4.39
N2 NAG D . 1.86 -17.40 5.55
O3 NAG D . 0.90 -18.53 8.07
O4 NAG D . -1.95 -18.03 8.41
O5 NAG D . -0.74 -15.10 6.70
O6 NAG D . -2.27 -14.63 9.02
O7 NAG D . 3.78 -16.47 6.32
C1 NAG E . 11.27 -8.48 7.42
C2 NAG E . 12.55 -9.14 6.86
C3 NAG E . 12.63 -10.58 7.37
C4 NAG E . 12.53 -10.60 8.90
C5 NAG E . 11.34 -9.79 9.41
C6 NAG E . 11.41 -9.71 10.95
C7 NAG E . 13.75 -8.71 4.75
C8 NAG E . 13.71 -8.68 3.25
N2 NAG E . 12.64 -9.05 5.41
O3 NAG E . 13.88 -11.11 6.99
O4 NAG E . 12.41 -11.91 9.44
O5 NAG E . 11.40 -8.50 8.85
O6 NAG E . 12.52 -8.93 11.41
O7 NAG E . 14.80 -8.43 5.31
C1 NAG E . 13.71 -12.47 9.82
C2 NAG E . 13.50 -13.35 11.07
C3 NAG E . 14.71 -14.24 11.36
C4 NAG E . 15.18 -14.93 10.09
C5 NAG E . 15.35 -13.93 8.94
C6 NAG E . 15.78 -14.61 7.65
C7 NAG E . 12.04 -12.58 12.86
C8 NAG E . 11.84 -11.62 13.99
N2 NAG E . 13.23 -12.52 12.24
O3 NAG E . 14.41 -15.21 12.36
O4 NAG E . 16.42 -15.56 10.40
O5 NAG E . 14.13 -13.23 8.72
O6 NAG E . 16.33 -13.63 6.81
O7 NAG E . 11.15 -13.36 12.52
C1 BMA E . 16.31 -16.91 9.84
C2 BMA E . 17.78 -17.31 9.79
C3 BMA E . 17.93 -18.76 9.32
C4 BMA E . 17.03 -19.67 10.15
C5 BMA E . 15.63 -19.11 10.22
C6 BMA E . 14.78 -19.99 11.12
O2 BMA E . 18.33 -17.13 11.08
O3 BMA E . 19.26 -19.21 9.44
O4 BMA E . 17.00 -20.96 9.56
O5 BMA E . 15.67 -17.78 10.73
O6 BMA E . 13.42 -19.87 10.77
C1 MAN E . 20.08 -18.80 8.30
C2 MAN E . 21.40 -19.56 8.47
C3 MAN E . 22.51 -18.63 8.94
C4 MAN E . 22.53 -17.34 8.13
C5 MAN E . 21.14 -16.72 8.08
C6 MAN E . 21.14 -15.43 7.25
O2 MAN E . 21.75 -20.21 7.27
O3 MAN E . 23.75 -19.27 8.81
O4 MAN E . 23.43 -16.43 8.72
O5 MAN E . 20.26 -17.65 7.50
O6 MAN E . 19.98 -14.68 7.54
C1 BMA E . 12.18 -20.59 10.49
C2 BMA E . 12.35 -21.57 11.65
C3 BMA E . 11.04 -22.26 11.99
C4 BMA E . 9.89 -21.26 12.06
C5 BMA E . 9.88 -20.31 10.86
C6 BMA E . 8.76 -19.29 11.03
O2 BMA E . 12.81 -20.92 12.81
O3 BMA E . 11.18 -22.87 13.25
O4 BMA E . 8.67 -21.97 12.08
O5 BMA E . 11.14 -19.68 10.79
O6 BMA E . 9.10 -18.07 10.40
C1 NAG F . -7.37 -3.95 22.50
C2 NAG F . -5.89 -3.85 22.12
C3 NAG F . -5.02 -3.62 23.36
C4 NAG F . -5.56 -2.45 24.18
C5 NAG F . -7.07 -2.61 24.43
C6 NAG F . -7.62 -1.38 25.13
C7 NAG F . -5.00 -4.99 20.17
C8 NAG F . -4.53 -6.27 19.54
N2 NAG F . -5.50 -5.07 21.42
O1 NAG F . -8.18 -4.07 21.36
O3 NAG F . -3.68 -3.31 23.00
O4 NAG F . -4.92 -2.42 25.45
O5 NAG F . -7.78 -2.81 23.22
O6 NAG F . -8.89 -1.70 25.65
O7 NAG F . -4.94 -3.92 19.58
C1 NAG F . -4.16 -1.20 25.64
C2 NAG F . -3.88 -1.08 27.14
C3 NAG F . -2.93 0.07 27.39
C4 NAG F . -1.67 -0.13 26.54
C5 NAG F . -2.04 -0.37 25.07
C6 NAG F . -0.82 -0.61 24.16
C7 NAG F . -5.68 -1.89 28.57
C8 NAG F . -7.04 -1.62 29.18
N2 NAG F . -5.11 -0.89 27.90
O3 NAG F . -2.59 0.12 28.77
O4 NAG F . -0.90 1.03 26.66
O5 NAG F . -2.94 -1.46 24.97
O6 NAG F . -0.01 -1.66 24.65
O7 NAG F . -5.16 -3.00 28.69
C1 NAG F . 0.44 0.92 27.23
C2 NAG F . 1.33 2.09 26.82
C3 NAG F . 2.61 2.09 27.64
C4 NAG F . 2.27 2.00 29.12
C5 NAG F . 1.31 0.88 29.44
C6 NAG F . 0.89 1.03 30.91
C7 NAG F . 1.06 2.86 24.57
C8 NAG F . 1.54 2.73 23.15
N2 NAG F . 1.61 2.00 25.41
O3 NAG F . 3.33 3.29 27.43
O4 NAG F . 3.44 1.79 29.90
O5 NAG F . 0.16 0.91 28.62
O6 NAG F . 0.35 -0.21 31.27
O7 NAG F . 0.21 3.71 24.88
C1 NAG F . 3.72 2.85 30.87
C2 NAG F . 4.79 2.26 31.78
C3 NAG F . 5.30 3.25 32.81
C4 NAG F . 5.63 4.59 32.16
C5 NAG F . 4.46 5.07 31.30
C6 NAG F . 4.77 6.38 30.60
C7 NAG F . 4.70 -0.14 32.35
C8 NAG F . 4.10 -1.16 33.27
N2 NAG F . 4.22 1.10 32.46
O3 NAG F . 6.45 2.73 33.41
O4 NAG F . 5.90 5.54 33.18
O5 NAG F . 4.14 4.10 30.33
O6 NAG F . 3.58 6.90 30.05
O7 NAG F . 5.57 -0.46 31.53
#